data_8X4F
#
_entry.id   8X4F
#
loop_
_entity.id
_entity.type
_entity.pdbx_description
1 polymer "DNA (5'-D(*GP*CP*TP*GP*CP*TP*GP*CP*TP*GP*CP*TP*GP*C)-3')"
2 non-polymer 'SODIUM ION'
#
_entity_poly.entity_id   1
_entity_poly.type   'polydeoxyribonucleotide'
_entity_poly.pdbx_seq_one_letter_code
;(DG)(DC)(DT)(DG)(DC)(DT)(DG)(DC)(DT)(DG)(DC)(DT)(DG)(DC)
;
_entity_poly.pdbx_strand_id   A
#
loop_
_chem_comp.id
_chem_comp.type
_chem_comp.name
_chem_comp.formula
DC DNA linking 2'-DEOXYCYTIDINE-5'-MONOPHOSPHATE 'C9 H14 N3 O7 P'
DG DNA linking 2'-DEOXYGUANOSINE-5'-MONOPHOSPHATE 'C10 H14 N5 O7 P'
DT DNA linking THYMIDINE-5'-MONOPHOSPHATE 'C10 H15 N2 O8 P'
NA non-polymer 'SODIUM ION' 'Na 1'
#
# COMPACT_ATOMS: atom_id res chain seq x y z
NA NA B . -5.91 -5.72 -1.76
NA NA C . -12.76 -3.52 8.63
NA NA D . -2.47 -0.34 2.21
NA NA E . 6.98 -4.43 0.18
NA NA F . -2.83 -2.22 10.76
NA NA G . -1.42 11.54 -16.45
NA NA H . 3.14 -8.95 -7.77
NA NA I . 2.78 6.98 2.50
NA NA J . 1.05 0.24 -14.21
NA NA K . 13.76 -0.26 -2.69
NA NA L . 2.29 1.74 5.49
NA NA M . -5.29 5.70 6.77
NA NA N . 4.96 -2.02 -2.12
NA NA B . -5.19 -5.62 -2.09
NA NA C . -12.51 -4.37 8.84
NA NA D . 1.72 2.00 5.19
NA NA E . 6.60 2.94 3.56
NA NA F . -2.19 -3.45 10.58
NA NA G . -0.50 6.80 -16.23
NA NA H . 2.11 -8.78 -7.80
NA NA I . -3.27 8.42 5.88
NA NA J . 1.03 0.21 -14.73
NA NA K . 14.41 1.43 -0.13
NA NA L . -2.70 0.56 2.90
NA NA M . -11.18 4.31 5.65
NA NA N . 6.63 -3.23 0.76
NA NA B . -5.23 -4.82 -2.71
NA NA C . -13.44 -3.78 6.88
NA NA D . -2.36 0.26 3.33
NA NA E . 6.60 1.75 3.58
NA NA F . -3.24 -3.51 10.45
NA NA G . -0.65 6.52 -16.00
NA NA H . 4.83 -6.97 -8.66
NA NA I . -1.87 9.43 5.39
NA NA J . 1.98 0.35 -14.09
NA NA K . 14.44 3.11 -0.13
NA NA L . 2.45 0.98 5.50
NA NA M . -9.18 3.87 8.39
NA NA N . 7.42 -3.23 0.30
NA NA B . -4.63 -6.73 -1.86
NA NA C . -12.65 -4.33 8.50
NA NA D . -2.86 0.83 3.04
NA NA E . 6.64 3.35 3.51
NA NA F . -2.35 -3.59 10.56
NA NA G . -0.37 6.84 -16.00
NA NA H . 2.40 -9.02 -7.50
NA NA I . -3.27 8.90 5.14
NA NA J . 0.92 0.24 -14.66
NA NA K . 14.08 0.95 -1.47
NA NA L . 1.43 2.04 5.27
NA NA M . -10.42 4.31 7.22
NA NA N . 6.34 -2.82 1.13
NA NA B . -5.02 -5.82 -1.87
NA NA C . -11.57 -5.81 7.81
NA NA D . -2.64 0.52 3.08
NA NA E . 6.97 2.90 3.43
NA NA F . -1.93 -3.93 10.41
NA NA G . -0.12 6.37 -16.44
NA NA H . 4.84 -7.27 -9.46
NA NA I . -3.52 8.07 6.45
NA NA J . 2.67 0.67 -14.08
NA NA K . 14.17 1.16 -3.08
NA NA L . 1.94 1.68 5.55
NA NA M . -8.63 -0.01 8.17
NA NA N . 6.60 -3.44 1.05
#